data_1MC0
#
_entry.id   1MC0
#
_cell.length_a   134.200
_cell.length_b   136.200
_cell.length_c   149.100
_cell.angle_alpha   90.00
_cell.angle_beta   90.00
_cell.angle_gamma   90.00
#
_symmetry.space_group_name_H-M   'F 2 2 2'
#
loop_
_entity.id
_entity.type
_entity.pdbx_description
1 polymer "3',5'-cyclic nucleotide phosphodiesterase 2A"
2 non-polymer 'CYCLIC GUANOSINE MONOPHOSPHATE'
3 water water
#
_entity_poly.entity_id   1
_entity_poly.type   'polypeptide(L)'
_entity_poly.pdbx_seq_one_letter_code
;EDQKDEKGYTDHDRKILQLCGELFDLDATSLQLKVLQYLQQETQATHCCLLLVSEDNLQLSCKVIGDKVLGEEVSFPLTM
GRLGQVVEDKQCIQLKDLTSDDVQQLQNMLGCELQAMLCVPVISRATDQVVALACAFNKLGGDFFTDEDEHVIQHCFHYT
GTVLTSTLAFQKEQKLKCECQALLQVAKNLFTHLDDVSVLLQEIITEARNLSNAEICSVFLLDQNELVAKVFDGGVVDDE
SYEIRIPADQGIAGHVATTGQILNIPDAYAHPLFYRGVDDSTGFRTRNILCFPIKNENQEVIGVAELVNKINGPWFSKFD
EDLATAFSIYCGISIAHSLLYKKVNEAQYRSHLANEMMMYLEHHHHHH
;
_entity_poly.pdbx_strand_id   A
#
# COMPACT_ATOMS: atom_id res chain seq x y z
N TYR A 9 6.45 -14.92 43.22
CA TYR A 9 6.05 -14.38 44.55
C TYR A 9 5.07 -13.21 44.35
N THR A 10 4.14 -13.04 45.29
CA THR A 10 3.16 -11.94 45.20
C THR A 10 3.90 -10.63 45.01
N ASP A 11 5.21 -10.67 45.23
CA ASP A 11 6.06 -9.50 45.03
C ASP A 11 6.12 -9.34 43.52
N HIS A 12 6.24 -10.46 42.82
CA HIS A 12 6.30 -10.50 41.37
C HIS A 12 4.91 -10.60 40.76
N ASP A 13 3.93 -11.00 41.58
CA ASP A 13 2.57 -11.11 41.10
C ASP A 13 2.00 -9.72 40.89
N ARG A 14 2.42 -8.79 41.73
CA ARG A 14 1.94 -7.43 41.59
C ARG A 14 2.70 -6.73 40.46
N LYS A 15 4.01 -6.95 40.41
CA LYS A 15 4.86 -6.36 39.38
C LYS A 15 4.39 -6.77 37.98
N ILE A 16 3.92 -8.00 37.86
CA ILE A 16 3.42 -8.53 36.59
C ILE A 16 2.16 -7.80 36.19
N LEU A 17 1.16 -7.80 37.06
CA LEU A 17 -0.09 -7.15 36.73
C LEU A 17 0.15 -5.74 36.21
N GLN A 18 1.16 -5.08 36.75
CA GLN A 18 1.48 -3.74 36.30
C GLN A 18 2.04 -3.80 34.89
N LEU A 19 2.89 -4.79 34.62
CA LEU A 19 3.46 -4.93 33.29
C LEU A 19 2.30 -5.15 32.35
N CYS A 20 1.43 -6.10 32.70
CA CYS A 20 0.27 -6.41 31.89
C CYS A 20 -0.51 -5.16 31.47
N GLY A 21 -0.92 -4.37 32.46
CA GLY A 21 -1.67 -3.16 32.19
C GLY A 21 -0.91 -2.21 31.28
N GLU A 22 0.41 -2.39 31.22
CA GLU A 22 1.26 -1.55 30.42
C GLU A 22 1.54 -2.09 29.02
N LEU A 23 0.93 -3.24 28.71
CA LEU A 23 1.11 -3.85 27.41
C LEU A 23 -0.13 -3.56 26.58
N PHE A 24 -0.32 -2.28 26.29
CA PHE A 24 -1.50 -1.85 25.53
C PHE A 24 -1.17 -1.48 24.09
N ASP A 25 0.10 -1.42 23.76
CA ASP A 25 0.56 -1.08 22.42
C ASP A 25 0.06 -2.03 21.34
N LEU A 26 -0.14 -1.51 20.13
CA LEU A 26 -0.64 -2.32 19.03
C LEU A 26 0.49 -2.90 18.19
N ASP A 27 1.71 -2.50 18.52
CA ASP A 27 2.90 -2.95 17.81
C ASP A 27 3.66 -3.96 18.68
N ALA A 28 3.99 -5.11 18.10
CA ALA A 28 4.70 -6.18 18.80
C ALA A 28 6.06 -5.75 19.36
N THR A 29 6.77 -4.93 18.59
CA THR A 29 8.06 -4.43 18.98
C THR A 29 7.99 -3.66 20.31
N SER A 30 7.01 -2.78 20.42
CA SER A 30 6.82 -1.98 21.62
C SER A 30 6.45 -2.85 22.84
N LEU A 31 5.69 -3.92 22.60
CA LEU A 31 5.27 -4.82 23.66
C LEU A 31 6.47 -5.62 24.15
N GLN A 32 7.45 -5.78 23.27
CA GLN A 32 8.65 -6.53 23.62
C GLN A 32 9.58 -5.68 24.47
N LEU A 33 9.89 -4.46 24.00
CA LEU A 33 10.75 -3.53 24.73
C LEU A 33 10.31 -3.40 26.18
N LYS A 34 9.00 -3.42 26.42
CA LYS A 34 8.48 -3.30 27.77
C LYS A 34 8.68 -4.57 28.59
N VAL A 35 8.45 -5.73 27.96
CA VAL A 35 8.64 -7.01 28.66
C VAL A 35 10.13 -7.26 28.86
N LEU A 36 10.91 -6.95 27.85
CA LEU A 36 12.36 -7.13 27.92
C LEU A 36 12.95 -6.32 29.05
N GLN A 37 12.58 -5.05 29.11
CA GLN A 37 13.08 -4.17 30.15
C GLN A 37 12.60 -4.58 31.54
N TYR A 38 11.48 -5.27 31.62
CA TYR A 38 11.01 -5.74 32.91
C TYR A 38 12.00 -6.79 33.41
N LEU A 39 12.30 -7.74 32.53
CA LEU A 39 13.22 -8.83 32.83
C LEU A 39 14.63 -8.33 33.15
N GLN A 40 15.09 -7.30 32.43
CA GLN A 40 16.44 -6.79 32.68
C GLN A 40 16.59 -6.24 34.09
N GLN A 41 15.46 -6.05 34.77
CA GLN A 41 15.51 -5.54 36.13
C GLN A 41 15.40 -6.73 37.08
N GLU A 42 14.31 -7.49 36.95
CA GLU A 42 14.09 -8.65 37.80
C GLU A 42 15.18 -9.72 37.73
N THR A 43 16.08 -9.62 36.76
CA THR A 43 17.15 -10.60 36.62
C THR A 43 18.52 -9.96 36.74
N GLN A 44 18.55 -8.64 36.58
CA GLN A 44 19.78 -7.89 36.68
C GLN A 44 20.66 -8.20 35.47
N ALA A 45 20.05 -8.58 34.36
CA ALA A 45 20.80 -8.87 33.13
C ALA A 45 21.06 -7.59 32.34
N THR A 46 22.22 -7.53 31.70
CA THR A 46 22.60 -6.37 30.89
C THR A 46 21.73 -6.23 29.65
N HIS A 47 21.52 -7.34 28.94
CA HIS A 47 20.70 -7.34 27.73
C HIS A 47 19.81 -8.57 27.68
N CYS A 48 18.58 -8.36 27.25
CA CYS A 48 17.64 -9.46 27.11
C CYS A 48 17.12 -9.45 25.68
N CYS A 49 16.54 -10.56 25.26
CA CYS A 49 15.98 -10.63 23.93
C CYS A 49 15.16 -11.89 23.73
N LEU A 50 14.20 -11.82 22.83
CA LEU A 50 13.35 -12.95 22.50
C LEU A 50 13.75 -13.48 21.15
N LEU A 51 13.98 -14.78 21.06
CA LEU A 51 14.30 -15.40 19.78
C LEU A 51 13.01 -16.12 19.43
N LEU A 52 12.30 -15.58 18.46
CA LEU A 52 11.03 -16.13 18.04
C LEU A 52 11.17 -17.32 17.10
N VAL A 53 10.41 -18.37 17.38
CA VAL A 53 10.41 -19.57 16.55
C VAL A 53 9.43 -19.35 15.40
N SER A 54 9.89 -19.59 14.18
CA SER A 54 9.06 -19.42 12.98
C SER A 54 7.91 -20.44 12.88
N GLU A 55 7.18 -20.38 11.77
CA GLU A 55 6.06 -21.31 11.53
C GLU A 55 6.56 -22.71 11.19
N ASP A 56 7.43 -22.79 10.19
CA ASP A 56 7.99 -24.06 9.74
C ASP A 56 8.90 -24.68 10.82
N ASN A 57 8.99 -24.03 11.99
CA ASN A 57 9.82 -24.52 13.07
C ASN A 57 11.27 -24.64 12.65
N LEU A 58 11.63 -23.90 11.60
CA LEU A 58 12.98 -23.97 11.08
C LEU A 58 13.91 -22.85 11.44
N GLN A 59 13.39 -21.74 11.95
CA GLN A 59 14.27 -20.64 12.29
C GLN A 59 13.97 -19.86 13.53
N LEU A 60 14.94 -19.07 13.93
CA LEU A 60 14.84 -18.20 15.09
C LEU A 60 15.03 -16.79 14.60
N SER A 61 14.16 -15.90 15.02
CA SER A 61 14.26 -14.53 14.61
C SER A 61 14.32 -13.63 15.82
N CYS A 62 14.89 -12.45 15.63
CA CYS A 62 14.99 -11.50 16.71
C CYS A 62 14.88 -10.12 16.12
N LYS A 63 14.06 -9.28 16.76
CA LYS A 63 13.84 -7.90 16.30
C LYS A 63 14.24 -6.91 17.37
N VAL A 64 14.08 -7.27 18.64
CA VAL A 64 14.42 -6.37 19.74
C VAL A 64 15.44 -6.97 20.71
N ILE A 65 16.51 -6.23 20.95
CA ILE A 65 17.55 -6.67 21.89
C ILE A 65 17.76 -5.59 22.94
N GLY A 66 17.23 -5.83 24.12
CA GLY A 66 17.35 -4.87 25.22
C GLY A 66 16.36 -3.74 25.10
N ASP A 67 16.82 -2.64 24.52
CA ASP A 67 15.99 -1.45 24.33
C ASP A 67 16.35 -0.95 22.93
N LYS A 68 17.07 -1.82 22.22
CA LYS A 68 17.52 -1.54 20.88
C LYS A 68 16.69 -2.33 19.85
N VAL A 69 16.04 -1.60 18.95
CA VAL A 69 15.24 -2.20 17.90
C VAL A 69 16.10 -2.31 16.65
N LEU A 70 16.58 -3.51 16.39
CA LEU A 70 17.43 -3.78 15.24
C LEU A 70 16.76 -3.22 14.00
N GLY A 71 17.50 -2.45 13.22
CA GLY A 71 16.95 -1.87 12.01
C GLY A 71 16.42 -2.94 11.07
N GLU A 72 17.03 -4.11 11.13
CA GLU A 72 16.62 -5.24 10.30
C GLU A 72 16.50 -6.42 11.23
N GLU A 73 15.43 -7.20 11.08
CA GLU A 73 15.23 -8.38 11.91
C GLU A 73 16.24 -9.46 11.54
N VAL A 74 16.84 -10.09 12.55
CA VAL A 74 17.84 -11.14 12.32
C VAL A 74 17.24 -12.53 12.43
N SER A 75 17.61 -13.42 11.53
CA SER A 75 17.09 -14.79 11.57
C SER A 75 18.20 -15.78 11.19
N PHE A 76 18.13 -16.99 11.72
CA PHE A 76 19.10 -18.04 11.38
C PHE A 76 18.47 -19.40 11.63
N PRO A 77 18.94 -20.43 10.90
CA PRO A 77 18.42 -21.80 11.02
C PRO A 77 18.58 -22.40 12.42
N LEU A 78 17.65 -23.26 12.83
CA LEU A 78 17.74 -23.92 14.13
C LEU A 78 18.88 -24.94 14.12
N THR A 79 19.21 -25.42 12.91
CA THR A 79 20.32 -26.37 12.66
C THR A 79 21.55 -25.76 13.33
N MET A 80 21.87 -24.57 12.83
CA MET A 80 22.99 -23.72 13.24
C MET A 80 23.30 -23.61 14.75
N GLY A 81 23.34 -24.74 15.45
CA GLY A 81 23.67 -24.68 16.86
C GLY A 81 22.84 -25.47 17.87
N ARG A 82 23.17 -25.23 19.14
CA ARG A 82 22.53 -25.88 20.28
C ARG A 82 21.11 -25.35 20.63
N LEU A 83 20.86 -24.07 20.33
CA LEU A 83 19.57 -23.42 20.61
C LEU A 83 18.38 -24.13 20.01
N GLY A 84 18.53 -24.59 18.76
CA GLY A 84 17.46 -25.30 18.12
C GLY A 84 17.00 -26.51 18.91
N GLN A 85 17.89 -27.10 19.69
CA GLN A 85 17.53 -28.26 20.48
C GLN A 85 16.63 -27.86 21.64
N VAL A 86 16.82 -26.64 22.15
CA VAL A 86 16.01 -26.15 23.26
C VAL A 86 14.54 -26.15 22.84
N VAL A 87 14.30 -25.90 21.56
CA VAL A 87 12.97 -25.86 21.01
C VAL A 87 12.34 -27.24 21.06
N GLU A 88 13.16 -28.25 20.86
CA GLU A 88 12.67 -29.63 20.88
C GLU A 88 12.58 -30.18 22.31
N ASP A 89 13.68 -30.09 23.05
CA ASP A 89 13.75 -30.60 24.44
C ASP A 89 13.09 -29.79 25.56
N LYS A 90 12.76 -28.52 25.31
CA LYS A 90 12.11 -27.68 26.31
C LYS A 90 12.85 -27.50 27.65
N GLN A 91 14.17 -27.59 27.66
CA GLN A 91 14.92 -27.42 28.90
C GLN A 91 15.86 -26.22 28.80
N CYS A 92 15.85 -25.36 29.82
CA CYS A 92 16.73 -24.19 29.82
C CYS A 92 18.18 -24.60 29.59
N ILE A 93 19.02 -23.63 29.28
CA ILE A 93 20.45 -23.89 29.09
C ILE A 93 21.19 -22.62 29.45
N GLN A 94 22.52 -22.70 29.47
CA GLN A 94 23.32 -21.54 29.81
C GLN A 94 24.53 -21.42 28.92
N LEU A 95 25.26 -20.32 29.11
CA LEU A 95 26.45 -20.02 28.32
C LEU A 95 27.35 -21.21 28.07
N LYS A 96 27.66 -21.93 29.14
CA LYS A 96 28.54 -23.10 29.08
C LYS A 96 28.01 -24.16 28.10
N ASP A 97 26.73 -24.08 27.77
CA ASP A 97 26.10 -25.05 26.88
C ASP A 97 26.14 -24.71 25.39
N LEU A 98 26.37 -23.44 25.06
CA LEU A 98 26.36 -23.03 23.66
C LEU A 98 27.59 -23.45 22.87
N THR A 99 27.35 -23.79 21.61
CA THR A 99 28.41 -24.17 20.68
C THR A 99 29.22 -22.92 20.45
N SER A 100 30.35 -23.06 19.76
CA SER A 100 31.16 -21.90 19.48
C SER A 100 30.36 -21.01 18.53
N ASP A 101 29.65 -21.66 17.62
CA ASP A 101 28.84 -20.97 16.62
C ASP A 101 27.74 -20.15 17.26
N ASP A 102 27.05 -20.74 18.23
CA ASP A 102 25.98 -20.06 18.95
C ASP A 102 26.48 -18.75 19.56
N VAL A 103 27.62 -18.83 20.23
CA VAL A 103 28.20 -17.67 20.86
C VAL A 103 28.54 -16.64 19.79
N GLN A 104 29.17 -17.11 18.71
CA GLN A 104 29.54 -16.22 17.61
C GLN A 104 28.30 -15.51 17.11
N GLN A 105 27.24 -16.27 16.87
CA GLN A 105 26.00 -15.69 16.40
C GLN A 105 25.42 -14.71 17.40
N LEU A 106 25.13 -15.16 18.61
CA LEU A 106 24.55 -14.26 19.59
C LEU A 106 25.41 -13.03 19.82
N GLN A 107 26.71 -13.16 19.59
CA GLN A 107 27.60 -12.03 19.77
C GLN A 107 27.59 -11.08 18.59
N ASN A 108 27.33 -11.60 17.40
CA ASN A 108 27.23 -10.75 16.22
C ASN A 108 26.02 -9.86 16.41
N MET A 109 24.97 -10.44 16.98
CA MET A 109 23.73 -9.74 17.25
C MET A 109 23.84 -8.75 18.40
N LEU A 110 24.28 -9.24 19.55
CA LEU A 110 24.44 -8.42 20.74
C LEU A 110 25.51 -7.35 20.58
N GLY A 111 26.51 -7.65 19.75
CA GLY A 111 27.58 -6.70 19.50
C GLY A 111 28.52 -6.49 20.66
N CYS A 112 28.68 -7.51 21.49
CA CYS A 112 29.56 -7.41 22.64
C CYS A 112 29.97 -8.79 23.13
N GLU A 113 30.97 -8.80 24.01
CA GLU A 113 31.49 -10.04 24.58
C GLU A 113 30.36 -10.72 25.33
N LEU A 114 30.20 -12.01 25.12
CA LEU A 114 29.15 -12.76 25.80
C LEU A 114 29.74 -13.41 27.05
N GLN A 115 29.52 -12.78 28.19
CA GLN A 115 30.06 -13.24 29.46
C GLN A 115 29.17 -14.19 30.28
N ALA A 116 27.86 -14.09 30.10
CA ALA A 116 26.94 -14.95 30.84
C ALA A 116 25.63 -15.09 30.11
N MET A 117 24.99 -16.25 30.23
CA MET A 117 23.70 -16.44 29.58
C MET A 117 22.76 -17.46 30.20
N LEU A 118 21.47 -17.15 30.09
CA LEU A 118 20.41 -18.01 30.57
C LEU A 118 19.43 -18.00 29.40
N CYS A 119 18.87 -19.15 29.05
CA CYS A 119 17.93 -19.22 27.94
C CYS A 119 16.76 -20.09 28.33
N VAL A 120 15.64 -19.46 28.67
CA VAL A 120 14.44 -20.17 29.06
C VAL A 120 13.49 -20.29 27.87
N PRO A 121 13.01 -21.50 27.59
CA PRO A 121 12.08 -21.61 26.45
C PRO A 121 10.67 -21.19 26.90
N VAL A 122 9.91 -20.60 25.99
CA VAL A 122 8.56 -20.14 26.30
C VAL A 122 7.58 -21.13 25.69
N ILE A 123 6.81 -21.80 26.53
CA ILE A 123 5.89 -22.82 26.05
C ILE A 123 4.43 -22.39 25.98
N SER A 124 3.85 -22.50 24.80
CA SER A 124 2.46 -22.15 24.60
C SER A 124 1.55 -23.00 25.46
N ARG A 125 0.62 -22.36 26.17
CA ARG A 125 -0.34 -23.09 26.99
C ARG A 125 -1.41 -23.60 26.03
N ALA A 126 -1.50 -22.98 24.86
CA ALA A 126 -2.51 -23.37 23.89
C ALA A 126 -2.13 -24.59 23.06
N THR A 127 -0.88 -24.63 22.63
CA THR A 127 -0.38 -25.71 21.78
C THR A 127 0.72 -26.53 22.44
N ASP A 128 1.29 -26.01 23.51
CA ASP A 128 2.36 -26.67 24.25
C ASP A 128 3.65 -26.81 23.44
N GLN A 129 3.84 -25.91 22.48
CA GLN A 129 5.03 -25.91 21.65
C GLN A 129 5.90 -24.73 22.11
N VAL A 130 7.18 -24.78 21.80
CA VAL A 130 8.05 -23.69 22.20
C VAL A 130 7.86 -22.59 21.15
N VAL A 131 7.30 -21.49 21.62
CA VAL A 131 7.02 -20.36 20.78
C VAL A 131 8.27 -19.50 20.60
N ALA A 132 9.05 -19.39 21.67
CA ALA A 132 10.26 -18.58 21.62
C ALA A 132 11.22 -18.95 22.72
N LEU A 133 12.40 -18.34 22.65
CA LEU A 133 13.45 -18.55 23.62
C LEU A 133 13.76 -17.18 24.21
N ALA A 134 13.46 -17.02 25.50
CA ALA A 134 13.73 -15.78 26.20
C ALA A 134 15.18 -15.83 26.70
N CYS A 135 16.02 -14.88 26.29
CA CYS A 135 17.43 -14.84 26.67
C CYS A 135 17.93 -13.66 27.52
N ALA A 136 18.66 -14.00 28.57
CA ALA A 136 19.27 -13.02 29.48
C ALA A 136 20.78 -13.11 29.28
N PHE A 137 21.42 -11.96 29.08
CA PHE A 137 22.86 -11.95 28.86
C PHE A 137 23.65 -11.04 29.79
N ASN A 138 24.87 -11.45 30.09
CA ASN A 138 25.78 -10.70 30.93
C ASN A 138 25.16 -10.13 32.19
N LYS A 139 25.11 -10.94 33.24
CA LYS A 139 24.57 -10.50 34.52
C LYS A 139 25.64 -9.57 35.11
N LEU A 140 25.20 -8.40 35.60
CA LEU A 140 26.12 -7.44 36.20
C LEU A 140 26.71 -8.01 37.51
N GLY A 141 25.84 -8.64 38.31
CA GLY A 141 26.27 -9.21 39.56
C GLY A 141 27.01 -10.52 39.39
N GLY A 142 26.29 -11.63 39.44
CA GLY A 142 26.90 -12.94 39.28
C GLY A 142 27.46 -13.17 37.89
N ASP A 143 27.81 -14.42 37.60
CA ASP A 143 28.36 -14.80 36.30
C ASP A 143 27.52 -15.97 35.80
N PHE A 144 26.62 -16.40 36.67
CA PHE A 144 25.68 -17.47 36.39
C PHE A 144 24.31 -16.92 36.80
N PHE A 145 23.29 -17.18 35.99
CA PHE A 145 21.98 -16.70 36.35
C PHE A 145 21.43 -17.71 37.35
N THR A 146 20.75 -17.19 38.38
CA THR A 146 20.20 -18.03 39.43
C THR A 146 19.21 -19.06 38.92
N ASP A 147 18.47 -19.63 39.86
CA ASP A 147 17.46 -20.63 39.56
C ASP A 147 16.18 -19.83 39.74
N GLU A 148 16.33 -18.70 40.43
CA GLU A 148 15.25 -17.78 40.70
C GLU A 148 14.96 -17.00 39.41
N ASP A 149 16.01 -16.73 38.63
CA ASP A 149 15.85 -16.00 37.39
C ASP A 149 15.02 -16.82 36.38
N GLU A 150 15.26 -18.12 36.32
CA GLU A 150 14.53 -18.98 35.40
C GLU A 150 13.04 -18.96 35.71
N HIS A 151 12.72 -18.69 36.97
CA HIS A 151 11.34 -18.65 37.44
C HIS A 151 10.68 -17.31 37.15
N VAL A 152 11.40 -16.22 37.33
CA VAL A 152 10.83 -14.90 37.06
C VAL A 152 10.49 -14.79 35.57
N ILE A 153 11.41 -15.25 34.72
CA ILE A 153 11.22 -15.21 33.27
C ILE A 153 10.02 -16.08 32.97
N GLN A 154 10.08 -17.31 33.44
CA GLN A 154 9.00 -18.26 33.22
C GLN A 154 7.70 -17.67 33.71
N HIS A 155 7.75 -17.06 34.88
CA HIS A 155 6.59 -16.44 35.52
C HIS A 155 5.97 -15.39 34.61
N CYS A 156 6.79 -14.43 34.22
CA CYS A 156 6.39 -13.34 33.34
C CYS A 156 5.55 -13.78 32.12
N PHE A 157 6.14 -14.63 31.27
CA PHE A 157 5.48 -15.10 30.07
C PHE A 157 4.24 -15.94 30.27
N HIS A 158 3.99 -16.40 31.48
CA HIS A 158 2.80 -17.18 31.75
C HIS A 158 1.58 -16.24 31.59
N TYR A 159 1.78 -14.98 31.98
CA TYR A 159 0.74 -13.94 31.92
C TYR A 159 0.94 -13.01 30.71
N THR A 160 2.20 -12.74 30.40
CA THR A 160 2.61 -11.85 29.34
C THR A 160 2.68 -12.37 27.89
N GLY A 161 3.13 -13.60 27.73
CA GLY A 161 3.25 -14.18 26.42
C GLY A 161 2.12 -14.07 25.41
N THR A 162 0.92 -14.50 25.76
CA THR A 162 -0.20 -14.47 24.83
C THR A 162 -0.44 -13.15 24.12
N VAL A 163 -0.42 -12.03 24.84
CA VAL A 163 -0.68 -10.80 24.12
C VAL A 163 0.44 -10.54 23.12
N LEU A 164 1.68 -10.88 23.46
CA LEU A 164 2.79 -10.66 22.52
C LEU A 164 2.66 -11.58 21.29
N THR A 165 2.22 -12.81 21.50
CA THR A 165 2.05 -13.75 20.40
C THR A 165 0.96 -13.26 19.42
N SER A 166 -0.13 -12.69 19.96
CA SER A 166 -1.25 -12.17 19.18
C SER A 166 -0.89 -10.93 18.40
N THR A 167 -0.29 -9.97 19.09
CA THR A 167 0.11 -8.74 18.44
C THR A 167 1.10 -9.04 17.32
N LEU A 168 1.92 -10.06 17.49
CA LEU A 168 2.87 -10.37 16.46
C LEU A 168 2.18 -11.12 15.35
N ALA A 169 1.33 -12.09 15.71
CA ALA A 169 0.61 -12.89 14.71
C ALA A 169 -0.28 -11.98 13.88
N PHE A 170 -0.86 -10.98 14.55
CA PHE A 170 -1.72 -10.04 13.89
C PHE A 170 -0.96 -9.28 12.82
N GLN A 171 0.24 -8.80 13.17
CA GLN A 171 1.02 -8.04 12.20
C GLN A 171 1.58 -8.92 11.09
N LYS A 172 1.80 -10.20 11.35
CA LYS A 172 2.31 -11.07 10.30
C LYS A 172 1.21 -11.24 9.27
N GLU A 173 0.03 -11.66 9.76
CA GLU A 173 -1.15 -11.87 8.91
C GLU A 173 -1.52 -10.63 8.11
N GLN A 174 -1.47 -9.47 8.76
CA GLN A 174 -1.80 -8.23 8.09
C GLN A 174 -0.81 -7.92 6.95
N LYS A 175 0.48 -8.03 7.23
CA LYS A 175 1.48 -7.77 6.20
C LYS A 175 1.27 -8.78 5.06
N LEU A 176 0.99 -10.03 5.39
CA LEU A 176 0.76 -11.03 4.37
C LEU A 176 -0.43 -10.64 3.52
N LYS A 177 -1.53 -10.30 4.19
CA LYS A 177 -2.77 -9.90 3.53
C LYS A 177 -2.55 -8.78 2.54
N CYS A 178 -1.94 -7.70 3.00
CA CYS A 178 -1.65 -6.57 2.13
C CYS A 178 -0.86 -6.99 0.91
N GLU A 179 0.25 -7.67 1.12
CA GLU A 179 1.11 -8.12 0.01
C GLU A 179 0.25 -8.79 -1.03
N CYS A 180 -0.68 -9.60 -0.58
CA CYS A 180 -1.58 -10.32 -1.46
C CYS A 180 -2.61 -9.41 -2.16
N GLN A 181 -3.31 -8.58 -1.39
CA GLN A 181 -4.29 -7.68 -1.97
C GLN A 181 -3.65 -6.77 -3.01
N ALA A 182 -2.41 -6.40 -2.75
CA ALA A 182 -1.65 -5.55 -3.63
C ALA A 182 -1.44 -6.27 -4.97
N LEU A 183 -0.98 -7.50 -4.91
CA LEU A 183 -0.75 -8.29 -6.10
C LEU A 183 -2.07 -8.45 -6.86
N LEU A 184 -3.16 -8.53 -6.10
CA LEU A 184 -4.48 -8.72 -6.69
C LEU A 184 -4.92 -7.43 -7.37
N GLN A 185 -4.51 -6.31 -6.79
CA GLN A 185 -4.82 -4.98 -7.30
C GLN A 185 -4.14 -4.81 -8.65
N VAL A 186 -2.88 -5.25 -8.74
CA VAL A 186 -2.14 -5.18 -9.98
C VAL A 186 -2.92 -5.88 -11.07
N ALA A 187 -3.35 -7.11 -10.77
CA ALA A 187 -4.09 -7.93 -11.72
C ALA A 187 -5.44 -7.31 -12.07
N LYS A 188 -6.21 -6.93 -11.07
CA LYS A 188 -7.51 -6.32 -11.31
C LYS A 188 -7.34 -5.18 -12.30
N ASN A 189 -6.37 -4.30 -12.06
CA ASN A 189 -6.12 -3.16 -12.94
C ASN A 189 -5.89 -3.59 -14.38
N LEU A 190 -5.04 -4.60 -14.53
CA LEU A 190 -4.69 -5.14 -15.83
C LEU A 190 -5.86 -5.74 -16.61
N PHE A 191 -7.03 -5.88 -15.99
CA PHE A 191 -8.19 -6.45 -16.69
C PHE A 191 -9.42 -5.54 -16.70
N THR A 192 -9.58 -4.72 -15.67
CA THR A 192 -10.72 -3.81 -15.57
C THR A 192 -10.46 -2.55 -16.40
N HIS A 193 -9.31 -2.51 -17.07
CA HIS A 193 -8.98 -1.36 -17.89
C HIS A 193 -9.34 -1.67 -19.34
N LEU A 194 -9.71 -2.92 -19.60
CA LEU A 194 -10.08 -3.34 -20.95
C LEU A 194 -11.42 -2.77 -21.40
N ASP A 195 -12.42 -2.85 -20.52
CA ASP A 195 -13.76 -2.34 -20.84
C ASP A 195 -13.92 -0.88 -20.42
N ASP A 196 -12.80 -0.17 -20.34
CA ASP A 196 -12.80 1.24 -19.97
C ASP A 196 -13.30 2.02 -21.19
N VAL A 197 -14.31 2.86 -20.98
CA VAL A 197 -14.89 3.65 -22.07
C VAL A 197 -13.88 4.61 -22.67
N SER A 198 -12.93 5.04 -21.84
CA SER A 198 -11.90 5.99 -22.25
C SER A 198 -10.89 5.41 -23.22
N VAL A 199 -11.03 4.14 -23.57
CA VAL A 199 -10.07 3.56 -24.47
C VAL A 199 -10.47 3.71 -25.92
N LEU A 200 -11.73 3.43 -26.25
CA LEU A 200 -12.14 3.60 -27.64
C LEU A 200 -12.38 5.09 -27.81
N LEU A 201 -13.07 5.68 -26.84
CA LEU A 201 -13.36 7.10 -26.84
C LEU A 201 -12.09 7.84 -27.24
N GLN A 202 -10.97 7.37 -26.73
CA GLN A 202 -9.66 7.97 -27.03
C GLN A 202 -9.28 7.81 -28.50
N GLU A 203 -9.25 6.59 -28.99
CA GLU A 203 -8.85 6.39 -30.38
C GLU A 203 -9.81 7.04 -31.38
N ILE A 204 -11.07 7.22 -30.98
CA ILE A 204 -12.02 7.85 -31.87
C ILE A 204 -11.59 9.31 -32.02
N ILE A 205 -11.58 10.05 -30.91
CA ILE A 205 -11.21 11.46 -30.98
C ILE A 205 -9.79 11.65 -31.51
N THR A 206 -9.02 10.58 -31.54
CA THR A 206 -7.66 10.69 -32.05
C THR A 206 -7.75 10.68 -33.57
N GLU A 207 -8.81 10.05 -34.08
CA GLU A 207 -9.07 10.00 -35.50
C GLU A 207 -9.50 11.42 -35.91
N ALA A 208 -10.46 11.97 -35.16
CA ALA A 208 -10.96 13.32 -35.39
C ALA A 208 -9.81 14.29 -35.40
N ARG A 209 -8.90 14.14 -34.43
CA ARG A 209 -7.75 15.01 -34.31
C ARG A 209 -6.94 14.98 -35.61
N ASN A 210 -6.83 13.81 -36.22
CA ASN A 210 -6.08 13.70 -37.46
C ASN A 210 -6.81 14.33 -38.63
N LEU A 211 -8.07 13.94 -38.81
CA LEU A 211 -8.92 14.44 -39.89
C LEU A 211 -9.11 15.95 -39.85
N SER A 212 -9.24 16.50 -38.64
CA SER A 212 -9.44 17.94 -38.47
C SER A 212 -8.10 18.68 -38.43
N ASN A 213 -7.03 17.93 -38.27
CA ASN A 213 -5.68 18.49 -38.23
C ASN A 213 -5.41 19.38 -37.02
N ALA A 214 -5.74 18.88 -35.83
CA ALA A 214 -5.53 19.62 -34.59
C ALA A 214 -4.22 19.16 -33.95
N GLU A 215 -3.67 19.97 -33.07
CA GLU A 215 -2.42 19.61 -32.39
C GLU A 215 -2.72 18.58 -31.33
N ILE A 216 -3.81 18.80 -30.59
CA ILE A 216 -4.19 17.88 -29.53
C ILE A 216 -5.70 17.67 -29.48
N CYS A 217 -6.11 16.68 -28.71
CA CYS A 217 -7.52 16.34 -28.53
C CYS A 217 -7.71 15.80 -27.12
N SER A 218 -8.88 16.06 -26.56
CA SER A 218 -9.16 15.60 -25.22
C SER A 218 -10.63 15.35 -25.09
N VAL A 219 -10.96 14.39 -24.23
CA VAL A 219 -12.34 14.05 -23.96
C VAL A 219 -12.58 14.30 -22.48
N PHE A 220 -13.73 14.87 -22.16
CA PHE A 220 -14.09 15.15 -20.78
C PHE A 220 -15.42 14.46 -20.51
N LEU A 221 -15.40 13.46 -19.63
CA LEU A 221 -16.62 12.77 -19.27
C LEU A 221 -17.17 13.53 -18.07
N LEU A 222 -18.45 13.84 -18.11
CA LEU A 222 -19.08 14.57 -17.02
C LEU A 222 -19.18 13.70 -15.78
N ASP A 223 -18.81 14.26 -14.62
CA ASP A 223 -18.81 13.52 -13.34
C ASP A 223 -19.63 14.20 -12.24
N GLN A 224 -20.84 14.65 -12.58
CA GLN A 224 -21.70 15.31 -11.61
C GLN A 224 -21.09 16.64 -11.15
N ASN A 225 -21.32 17.69 -11.94
CA ASN A 225 -20.79 19.02 -11.65
C ASN A 225 -19.25 19.07 -11.55
N GLU A 226 -18.59 18.34 -12.45
CA GLU A 226 -17.14 18.30 -12.49
C GLU A 226 -16.67 17.48 -13.69
N LEU A 227 -16.36 18.17 -14.79
CA LEU A 227 -15.88 17.51 -16.01
C LEU A 227 -14.53 16.87 -15.76
N VAL A 228 -14.41 15.59 -16.09
CA VAL A 228 -13.15 14.90 -15.88
C VAL A 228 -12.47 14.55 -17.20
N ALA A 229 -11.21 14.96 -17.31
CA ALA A 229 -10.44 14.70 -18.50
C ALA A 229 -9.99 13.27 -18.52
N LYS A 230 -10.76 12.41 -19.19
CA LYS A 230 -10.40 11.00 -19.30
C LYS A 230 -9.27 10.87 -20.33
N VAL A 231 -9.40 11.61 -21.44
CA VAL A 231 -8.37 11.62 -22.47
C VAL A 231 -7.82 13.04 -22.45
N PHE A 232 -6.52 13.16 -22.58
CA PHE A 232 -5.89 14.45 -22.52
C PHE A 232 -4.59 14.39 -23.33
N ASP A 233 -4.43 15.35 -24.23
CA ASP A 233 -3.26 15.41 -25.09
C ASP A 233 -3.11 14.18 -25.96
N GLY A 234 -4.23 13.57 -26.31
CA GLY A 234 -4.20 12.41 -27.18
C GLY A 234 -4.06 11.07 -26.50
N GLY A 235 -3.69 11.07 -25.22
CA GLY A 235 -3.52 9.82 -24.50
C GLY A 235 -4.48 9.64 -23.35
N VAL A 236 -4.74 8.39 -22.97
CA VAL A 236 -5.64 8.10 -21.86
C VAL A 236 -4.92 8.49 -20.59
N VAL A 237 -5.44 9.48 -19.86
CA VAL A 237 -4.80 9.95 -18.63
C VAL A 237 -4.12 8.80 -17.90
N ASP A 238 -4.92 7.82 -17.48
CA ASP A 238 -4.40 6.64 -16.80
C ASP A 238 -3.93 6.88 -15.36
N ASP A 239 -4.79 7.49 -14.56
CA ASP A 239 -4.52 7.79 -13.14
C ASP A 239 -5.27 9.04 -12.71
N GLU A 240 -6.02 8.93 -11.62
CA GLU A 240 -6.77 10.07 -11.10
C GLU A 240 -5.86 10.98 -10.29
N SER A 241 -4.59 10.59 -10.15
CA SER A 241 -3.61 11.37 -9.40
C SER A 241 -3.39 12.70 -10.14
N TYR A 242 -2.70 12.64 -11.27
CA TYR A 242 -2.46 13.84 -12.07
C TYR A 242 -3.63 14.02 -13.04
N GLU A 243 -4.83 13.90 -12.47
CA GLU A 243 -6.11 14.02 -13.18
C GLU A 243 -6.26 15.42 -13.77
N ILE A 244 -7.48 15.72 -14.21
CA ILE A 244 -7.84 17.03 -14.78
C ILE A 244 -9.36 17.15 -14.68
N ARG A 245 -9.82 17.82 -13.63
CA ARG A 245 -11.23 18.01 -13.39
C ARG A 245 -11.58 19.49 -13.41
N ILE A 246 -12.84 19.80 -13.70
CA ILE A 246 -13.29 21.18 -13.79
C ILE A 246 -14.80 21.30 -13.60
N PRO A 247 -15.29 22.47 -13.13
CA PRO A 247 -16.73 22.63 -12.94
C PRO A 247 -17.46 22.39 -14.26
N ALA A 248 -18.47 21.54 -14.22
CA ALA A 248 -19.24 21.19 -15.42
C ALA A 248 -20.02 22.32 -16.08
N ASP A 249 -19.79 23.56 -15.69
CA ASP A 249 -20.50 24.68 -16.30
C ASP A 249 -19.56 25.77 -16.76
N GLN A 250 -18.26 25.58 -16.50
CA GLN A 250 -17.26 26.57 -16.88
C GLN A 250 -16.57 26.33 -18.23
N GLY A 251 -16.01 27.41 -18.76
CA GLY A 251 -15.30 27.34 -20.02
C GLY A 251 -16.16 26.88 -21.17
N ILE A 252 -15.49 26.59 -22.28
CA ILE A 252 -16.14 26.11 -23.49
C ILE A 252 -16.59 24.67 -23.29
N ALA A 253 -15.76 23.89 -22.61
CA ALA A 253 -16.08 22.49 -22.31
C ALA A 253 -17.43 22.47 -21.59
N GLY A 254 -17.50 23.23 -20.51
CA GLY A 254 -18.72 23.30 -19.74
C GLY A 254 -19.88 23.91 -20.49
N HIS A 255 -19.60 24.88 -21.36
CA HIS A 255 -20.67 25.52 -22.11
C HIS A 255 -21.31 24.56 -23.10
N VAL A 256 -20.54 23.60 -23.59
CA VAL A 256 -21.06 22.61 -24.53
C VAL A 256 -21.80 21.55 -23.72
N ALA A 257 -21.23 21.20 -22.57
CA ALA A 257 -21.84 20.21 -21.68
C ALA A 257 -23.19 20.69 -21.21
N THR A 258 -23.41 22.00 -21.31
CA THR A 258 -24.66 22.60 -20.87
C THR A 258 -25.67 22.86 -22.00
N THR A 259 -25.18 23.15 -23.20
CA THR A 259 -26.09 23.39 -24.32
C THR A 259 -26.16 22.17 -25.23
N GLY A 260 -25.23 21.24 -25.05
CA GLY A 260 -25.21 20.05 -25.87
C GLY A 260 -25.02 20.41 -27.33
N GLN A 261 -24.53 21.62 -27.59
CA GLN A 261 -24.32 22.05 -28.95
C GLN A 261 -22.88 22.44 -29.30
N ILE A 262 -22.38 21.83 -30.37
CA ILE A 262 -21.05 22.09 -30.90
C ILE A 262 -20.67 23.57 -30.82
N LEU A 263 -19.42 23.83 -30.47
CA LEU A 263 -18.94 25.19 -30.38
C LEU A 263 -17.58 25.30 -31.07
N ASN A 264 -17.45 26.26 -31.98
CA ASN A 264 -16.22 26.46 -32.73
C ASN A 264 -15.64 27.83 -32.42
N ILE A 265 -14.66 27.87 -31.53
CA ILE A 265 -14.03 29.12 -31.12
C ILE A 265 -12.71 29.34 -31.82
N PRO A 266 -12.62 30.39 -32.66
CA PRO A 266 -11.43 30.78 -33.44
C PRO A 266 -10.30 31.38 -32.63
N ASP A 267 -10.65 32.02 -31.52
CA ASP A 267 -9.66 32.62 -30.64
C ASP A 267 -10.10 32.43 -29.19
N ALA A 268 -9.52 31.42 -28.55
CA ALA A 268 -9.86 31.11 -27.17
C ALA A 268 -9.70 32.32 -26.26
N TYR A 269 -8.48 32.85 -26.22
CA TYR A 269 -8.18 34.01 -25.37
C TYR A 269 -9.23 35.11 -25.44
N ALA A 270 -9.59 35.49 -26.65
CA ALA A 270 -10.55 36.57 -26.87
C ALA A 270 -12.01 36.19 -26.70
N HIS A 271 -12.28 35.02 -26.13
CA HIS A 271 -13.66 34.61 -25.96
C HIS A 271 -14.11 34.74 -24.52
N PRO A 272 -15.28 35.36 -24.32
CA PRO A 272 -15.85 35.56 -22.99
C PRO A 272 -15.90 34.30 -22.12
N LEU A 273 -16.20 33.16 -22.73
CA LEU A 273 -16.33 31.91 -21.98
C LEU A 273 -15.07 31.07 -21.78
N PHE A 274 -13.98 31.41 -22.47
CA PHE A 274 -12.76 30.65 -22.35
C PHE A 274 -12.14 30.67 -20.95
N TYR A 275 -11.74 29.49 -20.48
CA TYR A 275 -11.11 29.34 -19.17
C TYR A 275 -9.60 29.09 -19.35
N ARG A 276 -8.80 30.11 -19.10
CA ARG A 276 -7.36 30.00 -19.26
C ARG A 276 -6.66 29.12 -18.22
N GLY A 277 -7.34 28.83 -17.12
CA GLY A 277 -6.74 28.03 -16.06
C GLY A 277 -5.89 26.85 -16.47
N VAL A 278 -6.50 25.92 -17.19
CA VAL A 278 -5.81 24.72 -17.66
C VAL A 278 -4.51 25.06 -18.37
N ASP A 279 -4.51 26.13 -19.17
CA ASP A 279 -3.31 26.52 -19.89
C ASP A 279 -2.17 26.98 -18.98
N ASP A 280 -2.39 28.05 -18.23
CA ASP A 280 -1.32 28.56 -17.35
C ASP A 280 -0.98 27.57 -16.25
N SER A 281 -1.56 26.38 -16.33
CA SER A 281 -1.28 25.34 -15.38
C SER A 281 -0.30 24.41 -16.08
N THR A 282 -0.71 23.89 -17.24
CA THR A 282 0.09 22.99 -18.04
C THR A 282 1.20 23.72 -18.78
N GLY A 283 1.01 25.02 -18.99
CA GLY A 283 1.99 25.81 -19.71
C GLY A 283 1.82 25.66 -21.22
N PHE A 284 0.58 25.36 -21.61
CA PHE A 284 0.22 25.17 -23.00
C PHE A 284 -0.71 26.33 -23.37
N ARG A 285 -0.68 26.76 -24.63
CA ARG A 285 -1.53 27.87 -25.05
C ARG A 285 -2.58 27.45 -26.07
N THR A 286 -3.84 27.70 -25.74
CA THR A 286 -4.93 27.36 -26.63
C THR A 286 -5.33 28.48 -27.61
N ARG A 287 -5.13 28.24 -28.90
CA ARG A 287 -5.48 29.20 -29.92
C ARG A 287 -6.93 29.04 -30.36
N ASN A 288 -7.28 27.87 -30.89
CA ASN A 288 -8.65 27.58 -31.32
C ASN A 288 -9.17 26.39 -30.56
N ILE A 289 -10.49 26.26 -30.51
CA ILE A 289 -11.14 25.16 -29.84
C ILE A 289 -12.42 24.74 -30.54
N LEU A 290 -12.48 23.49 -30.96
CA LEU A 290 -13.66 22.96 -31.63
C LEU A 290 -14.20 21.86 -30.71
N CYS A 291 -15.14 22.25 -29.85
CA CYS A 291 -15.73 21.38 -28.84
C CYS A 291 -17.06 20.77 -29.22
N PHE A 292 -17.20 19.45 -29.14
CA PHE A 292 -18.46 18.78 -29.46
C PHE A 292 -18.91 17.87 -28.30
N PRO A 293 -20.22 17.73 -28.11
CA PRO A 293 -20.71 16.88 -27.02
C PRO A 293 -20.76 15.38 -27.31
N ILE A 294 -20.81 14.58 -26.25
CA ILE A 294 -20.93 13.13 -26.37
C ILE A 294 -22.17 12.76 -25.57
N LYS A 295 -23.28 12.51 -26.25
CA LYS A 295 -24.53 12.18 -25.58
C LYS A 295 -24.79 10.68 -25.48
N ASN A 296 -25.72 10.31 -24.59
CA ASN A 296 -26.11 8.92 -24.41
C ASN A 296 -27.35 8.63 -25.23
N GLU A 297 -27.86 7.41 -25.09
CA GLU A 297 -29.05 6.98 -25.82
C GLU A 297 -30.29 7.77 -25.41
N ASN A 298 -30.13 8.58 -24.37
CA ASN A 298 -31.21 9.43 -23.87
C ASN A 298 -31.04 10.79 -24.52
N GLN A 299 -30.05 10.90 -25.41
CA GLN A 299 -29.75 12.14 -26.10
C GLN A 299 -29.30 13.18 -25.08
N GLU A 300 -28.78 12.69 -23.95
CA GLU A 300 -28.33 13.57 -22.89
C GLU A 300 -26.81 13.61 -22.77
N VAL A 301 -26.25 14.82 -22.70
CA VAL A 301 -24.80 15.00 -22.60
C VAL A 301 -24.20 14.25 -21.42
N ILE A 302 -23.32 13.30 -21.72
CA ILE A 302 -22.66 12.51 -20.70
C ILE A 302 -21.20 12.96 -20.58
N GLY A 303 -20.73 13.61 -21.64
CA GLY A 303 -19.37 14.09 -21.68
C GLY A 303 -19.19 15.04 -22.85
N VAL A 304 -17.99 15.60 -22.97
CA VAL A 304 -17.72 16.52 -24.06
C VAL A 304 -16.30 16.26 -24.56
N ALA A 305 -16.02 16.70 -25.78
CA ALA A 305 -14.69 16.48 -26.33
C ALA A 305 -14.22 17.69 -27.13
N GLU A 306 -12.91 17.82 -27.25
CA GLU A 306 -12.41 18.90 -28.05
C GLU A 306 -11.13 18.68 -28.81
N LEU A 307 -11.13 19.33 -29.97
CA LEU A 307 -10.02 19.34 -30.89
C LEU A 307 -9.41 20.71 -30.59
N VAL A 308 -8.10 20.75 -30.39
CA VAL A 308 -7.44 22.00 -30.03
C VAL A 308 -6.29 22.42 -30.93
N ASN A 309 -6.36 23.67 -31.40
CA ASN A 309 -5.35 24.30 -32.25
C ASN A 309 -5.20 23.73 -33.66
N LYS A 310 -5.61 24.51 -34.66
CA LYS A 310 -5.48 24.07 -36.03
C LYS A 310 -4.01 24.15 -36.41
N ILE A 311 -3.54 23.14 -37.12
CA ILE A 311 -2.16 23.10 -37.57
C ILE A 311 -2.20 23.71 -38.96
N ASN A 312 -1.32 24.67 -39.23
CA ASN A 312 -1.29 25.32 -40.54
C ASN A 312 -2.64 25.92 -40.91
N GLY A 313 -3.12 26.78 -40.03
CA GLY A 313 -4.40 27.43 -40.22
C GLY A 313 -4.64 28.37 -39.05
N PRO A 314 -5.48 29.38 -39.26
CA PRO A 314 -5.80 30.35 -38.20
C PRO A 314 -6.90 29.84 -37.28
N TRP A 315 -7.68 28.87 -37.77
CA TRP A 315 -8.78 28.28 -37.01
C TRP A 315 -9.37 27.08 -37.72
N PHE A 316 -10.36 26.45 -37.09
CA PHE A 316 -11.00 25.27 -37.67
C PHE A 316 -12.09 25.60 -38.67
N SER A 317 -11.95 25.10 -39.89
CA SER A 317 -12.90 25.37 -40.96
C SER A 317 -14.33 24.87 -40.76
N LYS A 318 -15.19 25.12 -41.77
CA LYS A 318 -16.57 24.68 -41.72
C LYS A 318 -16.54 23.17 -41.83
N PHE A 319 -15.63 22.68 -42.69
CA PHE A 319 -15.44 21.25 -42.91
C PHE A 319 -15.11 20.59 -41.58
N ASP A 320 -14.17 21.20 -40.85
CA ASP A 320 -13.75 20.69 -39.56
C ASP A 320 -14.95 20.68 -38.62
N GLU A 321 -15.78 21.72 -38.71
CA GLU A 321 -16.98 21.83 -37.89
C GLU A 321 -17.93 20.67 -38.16
N ASP A 322 -17.89 20.14 -39.38
CA ASP A 322 -18.76 19.03 -39.76
C ASP A 322 -18.29 17.75 -39.14
N LEU A 323 -16.96 17.57 -39.09
CA LEU A 323 -16.36 16.39 -38.49
C LEU A 323 -16.88 16.31 -37.07
N ALA A 324 -16.87 17.46 -36.40
CA ALA A 324 -17.33 17.58 -35.02
C ALA A 324 -18.74 17.04 -34.84
N THR A 325 -19.62 17.30 -35.80
CA THR A 325 -20.99 16.82 -35.72
C THR A 325 -20.93 15.30 -35.82
N ALA A 326 -20.42 14.83 -36.95
CA ALA A 326 -20.30 13.42 -37.27
C ALA A 326 -19.63 12.61 -36.17
N PHE A 327 -18.56 13.16 -35.59
CA PHE A 327 -17.87 12.46 -34.52
C PHE A 327 -18.63 12.54 -33.22
N SER A 328 -19.52 13.51 -33.10
CA SER A 328 -20.32 13.63 -31.89
C SER A 328 -21.28 12.45 -31.84
N ILE A 329 -21.87 12.15 -33.00
CA ILE A 329 -22.81 11.04 -33.13
C ILE A 329 -22.07 9.72 -33.06
N TYR A 330 -21.06 9.59 -33.91
CA TYR A 330 -20.25 8.37 -33.95
C TYR A 330 -19.74 8.06 -32.54
N CYS A 331 -19.48 9.10 -31.75
CA CYS A 331 -19.01 8.90 -30.39
C CYS A 331 -20.09 8.22 -29.56
N GLY A 332 -21.32 8.73 -29.65
CA GLY A 332 -22.41 8.15 -28.91
C GLY A 332 -22.75 6.76 -29.42
N ILE A 333 -22.75 6.59 -30.74
CA ILE A 333 -23.07 5.31 -31.36
C ILE A 333 -22.04 4.25 -31.01
N SER A 334 -20.82 4.68 -30.73
CA SER A 334 -19.75 3.75 -30.37
C SER A 334 -19.83 3.34 -28.91
N ILE A 335 -20.26 4.26 -28.05
CA ILE A 335 -20.39 3.94 -26.63
C ILE A 335 -21.53 2.93 -26.55
N ALA A 336 -22.46 3.04 -27.49
CA ALA A 336 -23.61 2.16 -27.56
C ALA A 336 -23.22 0.73 -27.98
N HIS A 337 -22.75 0.56 -29.21
CA HIS A 337 -22.33 -0.76 -29.71
C HIS A 337 -21.40 -1.45 -28.73
N SER A 338 -20.74 -0.64 -27.90
CA SER A 338 -19.82 -1.14 -26.90
C SER A 338 -20.57 -1.62 -25.64
N LEU A 339 -21.61 -0.89 -25.24
CA LEU A 339 -22.41 -1.27 -24.07
C LEU A 339 -23.18 -2.55 -24.37
N LEU A 340 -23.69 -2.63 -25.59
CA LEU A 340 -24.46 -3.80 -26.03
C LEU A 340 -23.57 -5.01 -26.26
N TYR A 341 -22.41 -4.81 -26.88
CA TYR A 341 -21.51 -5.91 -27.14
C TYR A 341 -20.76 -6.36 -25.90
N LYS A 342 -20.77 -5.51 -24.87
CA LYS A 342 -20.09 -5.82 -23.62
C LYS A 342 -20.94 -6.88 -22.90
N LYS A 343 -22.25 -6.78 -23.09
CA LYS A 343 -23.21 -7.70 -22.49
C LYS A 343 -23.40 -8.95 -23.32
N VAL A 344 -23.48 -8.78 -24.64
CA VAL A 344 -23.66 -9.90 -25.55
C VAL A 344 -22.31 -10.59 -25.78
N ASN A 345 -21.50 -10.61 -24.73
CA ASN A 345 -20.18 -11.21 -24.78
C ASN A 345 -19.93 -11.84 -23.41
N GLU A 346 -20.25 -11.08 -22.36
CA GLU A 346 -20.08 -11.56 -21.00
C GLU A 346 -21.26 -12.42 -20.59
N ALA A 347 -22.33 -12.35 -21.39
CA ALA A 347 -23.53 -13.15 -21.16
C ALA A 347 -23.31 -14.47 -21.89
N GLN A 348 -22.90 -14.37 -23.16
CA GLN A 348 -22.62 -15.54 -24.00
C GLN A 348 -21.77 -16.46 -23.13
N TYR A 349 -20.70 -15.89 -22.58
CA TYR A 349 -19.80 -16.60 -21.69
C TYR A 349 -20.61 -16.99 -20.44
#